data_3RRW
#
_entry.id   3RRW
#
_cell.length_a   92.350
_cell.length_b   92.350
_cell.length_c   143.460
_cell.angle_alpha   90.00
_cell.angle_beta   90.00
_cell.angle_gamma   90.00
#
_symmetry.space_group_name_H-M   'P 41 21 2'
#
loop_
_entity.id
_entity.type
_entity.pdbx_description
1 polymer 'Thylakoid lumenal 29 kDa protein, chloroplastic'
2 non-polymer 'PHOSPHATE ION'
3 non-polymer 'CALCIUM ION'
4 non-polymer GLYCEROL
5 water water
#
_entity_poly.entity_id   1
_entity_poly.type   'polypeptide(L)'
_entity_poly.pdbx_seq_one_letter_code
;(MSE)ADLNQRRQRSEFQSKIKILLSTTIKAKPELVPSLLKLALNDA(MSE)TYDKATKSGGANGSIRFSSELSRAENEG
LSDGLSLIEEVKKEIDSISKGGPISYADIIQLAGQSAVKFTYLASAIRKCGGNEEKGNLLYTAYGSAGQWGLFDRNFGRS
DATEADPEGRVPQWGKATVQE(MSE)KDKFIAVGLGPRQLAV(MSE)SAFLGPDQAATEQLLATDPQVAPWVQKYQRSRE
TVSQTDYEVDLITAFTKLSCLGQQINFEAYTYPVERINLSKLKL
;
_entity_poly.pdbx_strand_id   A,B
#
loop_
_chem_comp.id
_chem_comp.type
_chem_comp.name
_chem_comp.formula
CA non-polymer 'CALCIUM ION' 'Ca 2'
GOL non-polymer GLYCEROL 'C3 H8 O3'
PO4 non-polymer 'PHOSPHATE ION' 'O4 P -3'
#
# COMPACT_ATOMS: atom_id res chain seq x y z
N LEU A 4 -12.47 -21.02 37.05
CA LEU A 4 -11.54 -22.18 37.28
C LEU A 4 -11.88 -23.39 36.43
N ASN A 5 -12.92 -24.11 36.80
CA ASN A 5 -13.38 -25.22 35.95
C ASN A 5 -13.66 -24.76 34.54
N GLN A 6 -14.10 -23.52 34.43
CA GLN A 6 -14.37 -22.89 33.16
C GLN A 6 -13.08 -22.55 32.44
N ARG A 7 -12.03 -22.29 33.22
CA ARG A 7 -10.74 -21.93 32.64
C ARG A 7 -10.22 -23.19 31.93
N ARG A 8 -10.37 -24.32 32.62
CA ARG A 8 -9.96 -25.62 32.13
C ARG A 8 -10.79 -26.01 30.91
N GLN A 9 -12.13 -25.97 31.07
CA GLN A 9 -13.02 -26.36 29.95
C GLN A 9 -12.64 -25.64 28.72
N ARG A 10 -12.56 -24.31 28.83
CA ARG A 10 -12.12 -23.47 27.74
C ARG A 10 -10.80 -23.94 27.12
N SER A 11 -9.79 -24.21 27.95
CA SER A 11 -8.46 -24.54 27.40
C SER A 11 -8.44 -25.92 26.74
N GLU A 12 -9.14 -26.88 27.34
CA GLU A 12 -9.36 -28.18 26.70
C GLU A 12 -10.04 -28.01 25.35
N PHE A 13 -10.96 -27.06 25.27
CA PHE A 13 -11.67 -26.80 24.04
C PHE A 13 -10.71 -26.10 23.02
N GLN A 14 -9.79 -25.29 23.52
CA GLN A 14 -8.82 -24.62 22.66
C GLN A 14 -7.81 -25.59 22.07
N SER A 15 -7.31 -26.51 22.89
CA SER A 15 -6.44 -27.59 22.41
C SER A 15 -7.04 -28.30 21.19
N LYS A 16 -8.30 -28.71 21.30
CA LYS A 16 -9.00 -29.38 20.21
C LYS A 16 -9.12 -28.52 18.96
N ILE A 17 -9.41 -27.26 19.15
CA ILE A 17 -9.43 -26.34 18.06
C ILE A 17 -8.04 -26.23 17.42
N LYS A 18 -7.00 -26.06 18.24
CA LYS A 18 -5.67 -25.84 17.69
C LYS A 18 -5.16 -27.03 16.88
N ILE A 19 -5.36 -28.25 17.38
CA ILE A 19 -4.93 -29.43 16.64
C ILE A 19 -5.67 -29.51 15.27
N LEU A 20 -6.95 -29.12 15.24
CA LEU A 20 -7.72 -29.14 14.03
C LEU A 20 -7.25 -28.05 13.06
N LEU A 21 -6.93 -26.89 13.59
CA LEU A 21 -6.46 -25.84 12.73
C LEU A 21 -5.11 -26.17 12.09
N SER A 22 -4.17 -26.72 12.88
CA SER A 22 -2.84 -26.93 12.36
C SER A 22 -2.84 -28.05 11.34
N THR A 23 -3.62 -29.09 11.57
CA THR A 23 -3.75 -30.14 10.58
C THR A 23 -4.45 -29.67 9.30
N THR A 24 -5.41 -28.75 9.43
CA THR A 24 -6.08 -28.21 8.23
C THR A 24 -5.19 -27.29 7.46
N ILE A 25 -4.56 -26.37 8.16
CA ILE A 25 -3.57 -25.52 7.54
C ILE A 25 -2.45 -26.36 6.89
N LYS A 26 -2.07 -27.47 7.52
CA LYS A 26 -1.04 -28.36 7.00
C LYS A 26 -1.46 -28.94 5.64
N ALA A 27 -2.76 -29.20 5.45
CA ALA A 27 -3.20 -29.73 4.17
C ALA A 27 -3.31 -28.59 3.12
N LYS A 28 -3.54 -27.36 3.58
CA LYS A 28 -3.66 -26.26 2.66
C LYS A 28 -2.77 -25.08 3.02
N PRO A 29 -1.44 -25.23 2.91
CA PRO A 29 -0.56 -24.14 3.35
C PRO A 29 -0.67 -22.88 2.50
N GLU A 30 -1.18 -22.97 1.28
CA GLU A 30 -1.17 -21.83 0.38
C GLU A 30 -2.22 -20.81 0.72
N LEU A 31 -3.01 -21.12 1.75
CA LEU A 31 -4.05 -20.25 2.30
C LEU A 31 -3.60 -19.52 3.52
N VAL A 32 -2.39 -19.80 3.96
CA VAL A 32 -1.91 -19.08 5.12
C VAL A 32 -2.05 -17.56 4.94
N PRO A 33 -1.61 -17.03 3.78
CA PRO A 33 -1.69 -15.57 3.65
C PRO A 33 -3.14 -15.08 3.72
N SER A 34 -4.07 -15.86 3.17
CA SER A 34 -5.48 -15.55 3.24
C SER A 34 -5.95 -15.51 4.68
N LEU A 35 -5.59 -16.50 5.48
CA LEU A 35 -6.08 -16.49 6.87
C LEU A 35 -5.56 -15.27 7.59
N LEU A 36 -4.28 -14.91 7.37
CA LEU A 36 -3.74 -13.73 8.00
C LEU A 36 -4.56 -12.47 7.67
N LYS A 37 -4.84 -12.29 6.39
CA LYS A 37 -5.49 -11.11 5.90
C LYS A 37 -6.95 -11.08 6.32
N LEU A 38 -7.52 -12.25 6.51
CA LEU A 38 -8.91 -12.36 6.90
C LEU A 38 -9.06 -11.84 8.35
N ALA A 39 -8.13 -12.23 9.22
CA ALA A 39 -8.06 -11.70 10.57
C ALA A 39 -7.75 -10.20 10.62
N LEU A 40 -6.87 -9.71 9.74
CA LEU A 40 -6.56 -8.27 9.67
C LEU A 40 -7.76 -7.45 9.23
N ASN A 41 -8.29 -7.77 8.04
CA ASN A 41 -9.44 -7.07 7.46
C ASN A 41 -10.75 -7.15 8.24
N ASP A 42 -10.89 -8.12 9.13
CA ASP A 42 -12.09 -8.17 10.00
C ASP A 42 -11.86 -7.17 11.10
N ALA A 43 -10.61 -7.07 11.58
CA ALA A 43 -10.26 -6.19 12.68
C ALA A 43 -10.14 -4.71 12.30
N MSE A 44 -9.63 -4.42 11.11
CA MSE A 44 -9.24 -3.04 10.74
C MSE A 44 -10.38 -2.08 10.48
O MSE A 44 -10.14 -0.91 10.21
CB MSE A 44 -8.28 -3.03 9.55
CG MSE A 44 -6.86 -3.39 9.89
SE MSE A 44 -6.07 -2.21 11.18
CE MSE A 44 -4.27 -2.71 10.91
N THR A 45 -11.61 -2.55 10.51
CA THR A 45 -12.74 -1.63 10.42
C THR A 45 -12.96 -0.88 11.75
N TYR A 46 -12.43 -1.38 12.87
CA TYR A 46 -12.66 -0.67 14.14
C TYR A 46 -12.46 0.85 14.06
N ASP A 47 -13.46 1.61 14.48
CA ASP A 47 -13.42 3.07 14.49
C ASP A 47 -13.82 3.52 15.89
N LYS A 48 -12.83 3.99 16.64
CA LYS A 48 -13.00 4.49 17.99
C LYS A 48 -14.23 5.36 18.18
N ALA A 49 -14.33 6.42 17.40
CA ALA A 49 -15.31 7.48 17.59
C ALA A 49 -16.72 6.93 17.64
N THR A 50 -17.03 6.02 16.73
CA THR A 50 -18.36 5.47 16.69
C THR A 50 -18.41 4.08 17.32
N LYS A 51 -17.34 3.73 18.06
CA LYS A 51 -17.19 2.38 18.68
C LYS A 51 -17.76 1.26 17.81
N SER A 52 -17.50 1.32 16.51
CA SER A 52 -18.08 0.35 15.61
C SER A 52 -17.00 -0.40 14.88
N GLY A 53 -17.36 -1.57 14.35
CA GLY A 53 -16.44 -2.40 13.59
C GLY A 53 -15.56 -3.29 14.44
N GLY A 54 -14.42 -3.70 13.91
CA GLY A 54 -13.50 -4.55 14.65
C GLY A 54 -13.70 -6.02 14.41
N ALA A 55 -13.00 -6.81 15.22
CA ALA A 55 -12.92 -8.26 15.11
C ALA A 55 -14.18 -8.92 15.59
N ASN A 56 -15.17 -8.99 14.69
CA ASN A 56 -16.57 -9.38 15.00
C ASN A 56 -17.17 -10.37 13.98
N GLY A 57 -16.35 -10.82 13.03
CA GLY A 57 -16.80 -11.83 12.07
C GLY A 57 -17.64 -11.25 10.94
N SER A 58 -17.84 -9.94 10.96
CA SER A 58 -18.57 -9.27 9.89
C SER A 58 -18.10 -9.69 8.48
N ILE A 59 -16.80 -10.00 8.37
CA ILE A 59 -16.16 -10.26 7.09
C ILE A 59 -16.72 -11.44 6.30
N ARG A 60 -17.48 -12.30 6.97
CA ARG A 60 -18.14 -13.44 6.32
C ARG A 60 -19.30 -13.03 5.40
N PHE A 61 -19.73 -11.79 5.48
CA PHE A 61 -20.89 -11.35 4.71
C PHE A 61 -20.51 -10.99 3.27
N SER A 62 -21.26 -11.53 2.31
CA SER A 62 -20.93 -11.36 0.90
C SER A 62 -20.75 -9.90 0.56
N SER A 63 -21.47 -9.06 1.28
CA SER A 63 -21.47 -7.64 1.07
C SER A 63 -20.13 -7.03 1.48
N GLU A 64 -19.48 -7.60 2.49
CA GLU A 64 -18.14 -7.16 2.86
C GLU A 64 -17.05 -7.90 2.04
N LEU A 65 -17.23 -9.20 1.88
CA LEU A 65 -16.27 -10.05 1.15
C LEU A 65 -16.04 -9.63 -0.32
N SER A 66 -17.01 -8.96 -0.94
CA SER A 66 -16.86 -8.53 -2.34
C SER A 66 -16.15 -7.19 -2.48
N ARG A 67 -15.75 -6.61 -1.36
CA ARG A 67 -15.03 -5.35 -1.41
C ARG A 67 -13.61 -5.60 -1.91
N ALA A 68 -13.09 -4.67 -2.69
CA ALA A 68 -11.78 -4.81 -3.33
C ALA A 68 -10.69 -5.23 -2.37
N GLU A 69 -10.68 -4.62 -1.19
CA GLU A 69 -9.70 -4.95 -0.15
C GLU A 69 -9.75 -6.41 0.26
N ASN A 70 -10.90 -7.04 0.02
CA ASN A 70 -11.10 -8.41 0.44
C ASN A 70 -11.05 -9.40 -0.73
N GLU A 71 -10.54 -8.94 -1.87
CA GLU A 71 -10.43 -9.75 -3.07
C GLU A 71 -9.54 -10.98 -2.87
N GLY A 72 -9.93 -12.09 -3.47
CA GLY A 72 -9.15 -13.28 -3.34
C GLY A 72 -9.26 -14.01 -1.99
N LEU A 73 -10.19 -13.61 -1.11
CA LEU A 73 -10.28 -14.31 0.17
C LEU A 73 -11.36 -15.41 0.31
N SER A 74 -12.03 -15.77 -0.78
CA SER A 74 -13.04 -16.84 -0.71
C SER A 74 -12.56 -18.17 -0.17
N ASP A 75 -11.43 -18.64 -0.69
CA ASP A 75 -10.91 -19.93 -0.32
C ASP A 75 -10.60 -19.99 1.18
N GLY A 76 -9.97 -18.94 1.70
CA GLY A 76 -9.69 -18.89 3.12
C GLY A 76 -10.95 -18.95 3.95
N LEU A 77 -11.96 -18.20 3.51
CA LEU A 77 -13.24 -18.22 4.21
C LEU A 77 -13.98 -19.57 4.10
N SER A 78 -13.77 -20.35 3.02
CA SER A 78 -14.29 -21.73 2.97
C SER A 78 -13.63 -22.64 4.02
N LEU A 79 -12.33 -22.44 4.25
CA LEU A 79 -11.60 -23.25 5.21
C LEU A 79 -12.16 -22.96 6.58
N ILE A 80 -12.40 -21.67 6.83
CA ILE A 80 -12.98 -21.22 8.08
C ILE A 80 -14.36 -21.84 8.34
N GLU A 81 -15.25 -21.78 7.34
CA GLU A 81 -16.58 -22.42 7.44
C GLU A 81 -16.47 -23.90 7.74
N GLU A 82 -15.59 -24.59 7.04
CA GLU A 82 -15.43 -26.02 7.21
C GLU A 82 -14.95 -26.34 8.63
N VAL A 83 -14.03 -25.53 9.12
CA VAL A 83 -13.46 -25.76 10.41
C VAL A 83 -14.45 -25.40 11.52
N LYS A 84 -15.23 -24.35 11.32
CA LYS A 84 -16.26 -24.03 12.27
C LYS A 84 -17.28 -25.20 12.35
N LYS A 85 -17.78 -25.69 11.21
CA LYS A 85 -18.70 -26.83 11.28
C LYS A 85 -18.08 -28.01 12.12
N GLU A 86 -16.79 -28.31 11.93
CA GLU A 86 -16.15 -29.39 12.68
C GLU A 86 -16.00 -29.09 14.18
N ILE A 87 -15.59 -27.87 14.52
CA ILE A 87 -15.50 -27.47 15.93
C ILE A 87 -16.90 -27.48 16.62
N ASP A 88 -17.93 -26.98 15.94
CA ASP A 88 -19.31 -27.05 16.46
C ASP A 88 -19.77 -28.45 16.82
N SER A 89 -19.25 -29.45 16.14
CA SER A 89 -19.70 -30.80 16.38
C SER A 89 -19.05 -31.45 17.58
N ILE A 90 -17.98 -30.88 18.12
CA ILE A 90 -17.38 -31.43 19.33
C ILE A 90 -17.44 -30.50 20.52
N SER A 91 -17.91 -29.27 20.32
CA SER A 91 -17.98 -28.35 21.47
C SER A 91 -19.02 -28.79 22.50
N LYS A 92 -18.64 -28.69 23.76
CA LYS A 92 -19.58 -29.01 24.84
C LYS A 92 -20.26 -27.77 25.33
N GLY A 93 -19.81 -26.63 24.87
CA GLY A 93 -20.35 -25.37 25.33
C GLY A 93 -20.90 -24.46 24.27
N GLY A 94 -21.37 -25.05 23.16
CA GLY A 94 -22.06 -24.31 22.12
C GLY A 94 -21.21 -24.09 20.87
N PRO A 95 -21.82 -23.58 19.80
CA PRO A 95 -21.05 -23.28 18.60
C PRO A 95 -20.07 -22.16 18.87
N ILE A 96 -18.94 -22.20 18.18
CA ILE A 96 -17.93 -21.17 18.30
C ILE A 96 -18.33 -20.03 17.36
N SER A 97 -18.08 -18.79 17.76
CA SER A 97 -18.45 -17.65 16.96
C SER A 97 -17.51 -17.48 15.75
N TYR A 98 -18.00 -16.82 14.72
CA TYR A 98 -17.14 -16.56 13.60
C TYR A 98 -15.98 -15.68 14.03
N ALA A 99 -16.26 -14.64 14.80
CA ALA A 99 -15.20 -13.73 15.23
C ALA A 99 -14.02 -14.45 15.89
N ASP A 100 -14.30 -15.47 16.70
CA ASP A 100 -13.29 -16.25 17.40
C ASP A 100 -12.53 -17.16 16.45
N ILE A 101 -13.25 -17.89 15.60
CA ILE A 101 -12.57 -18.82 14.70
C ILE A 101 -11.65 -18.09 13.70
N ILE A 102 -12.08 -16.94 13.22
CA ILE A 102 -11.30 -16.09 12.32
C ILE A 102 -10.00 -15.63 12.95
N GLN A 103 -10.06 -15.20 14.21
CA GLN A 103 -8.85 -14.82 14.93
C GLN A 103 -8.01 -16.06 15.33
N LEU A 104 -8.68 -17.18 15.57
CA LEU A 104 -7.97 -18.41 15.89
C LEU A 104 -7.26 -19.01 14.65
N ALA A 105 -7.91 -18.90 13.49
CA ALA A 105 -7.28 -19.32 12.26
C ALA A 105 -6.04 -18.44 12.05
N GLY A 106 -6.14 -17.15 12.38
CA GLY A 106 -5.01 -16.26 12.31
C GLY A 106 -3.85 -16.73 13.18
N GLN A 107 -4.13 -17.09 14.42
CA GLN A 107 -3.08 -17.55 15.33
C GLN A 107 -2.37 -18.80 14.84
N SER A 108 -3.12 -19.72 14.26
CA SER A 108 -2.55 -20.94 13.80
C SER A 108 -1.68 -20.69 12.56
N ALA A 109 -2.11 -19.75 11.70
CA ALA A 109 -1.34 -19.34 10.51
C ALA A 109 -0.01 -18.66 10.90
N VAL A 110 -0.06 -17.84 11.92
CA VAL A 110 1.14 -17.20 12.43
C VAL A 110 2.10 -18.32 12.86
N LYS A 111 1.63 -19.21 13.74
CA LYS A 111 2.46 -20.30 14.22
C LYS A 111 3.06 -21.06 13.04
N PHE A 112 2.26 -21.31 12.01
CA PHE A 112 2.75 -22.00 10.82
C PHE A 112 3.94 -21.26 10.19
N THR A 113 3.83 -19.94 10.05
CA THR A 113 4.97 -19.19 9.53
C THR A 113 6.17 -19.21 10.48
N TYR A 114 5.95 -19.36 11.80
CA TYR A 114 7.12 -19.49 12.70
C TYR A 114 7.76 -20.84 12.53
N LEU A 115 6.94 -21.86 12.33
CA LEU A 115 7.48 -23.18 12.22
C LEU A 115 8.25 -23.26 10.94
N ALA A 116 7.76 -22.56 9.91
CA ALA A 116 8.43 -22.62 8.63
C ALA A 116 9.84 -22.03 8.74
N SER A 117 9.97 -20.96 9.54
CA SER A 117 11.32 -20.41 9.84
C SER A 117 12.27 -21.42 10.46
N ALA A 118 11.82 -22.10 11.50
CA ALA A 118 12.65 -23.03 12.18
C ALA A 118 13.14 -24.10 11.22
N ILE A 119 12.21 -24.72 10.48
CA ILE A 119 12.50 -25.71 9.45
C ILE A 119 13.49 -25.23 8.41
N ARG A 120 13.33 -23.98 7.99
CA ARG A 120 14.21 -23.38 7.00
C ARG A 120 15.60 -23.23 7.61
N LYS A 121 15.67 -22.71 8.84
CA LYS A 121 16.96 -22.53 9.50
C LYS A 121 17.67 -23.85 9.77
N CYS A 122 17.00 -24.96 9.50
CA CYS A 122 17.60 -26.27 9.72
C CYS A 122 17.92 -27.02 8.44
N GLY A 123 18.11 -26.26 7.36
CA GLY A 123 18.41 -26.84 6.04
C GLY A 123 17.23 -27.64 5.51
N GLY A 124 16.04 -27.06 5.64
CA GLY A 124 14.81 -27.68 5.14
C GLY A 124 14.40 -28.93 5.90
N ASN A 125 15.27 -29.42 6.78
CA ASN A 125 14.96 -30.66 7.51
C ASN A 125 13.82 -30.47 8.46
N GLU A 126 12.72 -31.11 8.16
CA GLU A 126 11.47 -30.89 8.87
C GLU A 126 11.44 -31.48 10.30
N GLU A 127 12.02 -32.66 10.49
CA GLU A 127 12.03 -33.29 11.82
C GLU A 127 12.73 -32.38 12.90
N LYS A 128 13.86 -31.78 12.54
CA LYS A 128 14.66 -30.92 13.46
C LYS A 128 14.00 -29.57 13.71
N GLY A 129 13.46 -28.97 12.64
CA GLY A 129 12.78 -27.68 12.73
C GLY A 129 11.59 -27.70 13.66
N ASN A 130 10.90 -28.85 13.71
CA ASN A 130 9.84 -29.06 14.68
C ASN A 130 10.34 -29.00 16.12
N LEU A 131 11.48 -29.64 16.39
CA LEU A 131 12.07 -29.58 17.75
C LEU A 131 12.55 -28.18 18.11
N LEU A 132 13.15 -27.49 17.15
CA LEU A 132 13.60 -26.13 17.35
C LEU A 132 12.43 -25.21 17.68
N TYR A 133 11.34 -25.34 16.92
CA TYR A 133 10.15 -24.51 17.13
C TYR A 133 9.54 -24.79 18.51
N THR A 134 9.43 -26.08 18.83
CA THR A 134 8.85 -26.53 20.07
C THR A 134 9.63 -25.96 21.23
N ALA A 135 10.95 -25.90 21.11
CA ALA A 135 11.83 -25.44 22.20
C ALA A 135 11.30 -24.18 22.92
N TYR A 136 10.98 -23.12 22.17
CA TYR A 136 10.48 -21.90 22.80
C TYR A 136 8.96 -21.68 22.57
N GLY A 137 8.60 -21.32 21.34
CA GLY A 137 7.21 -21.04 20.98
C GLY A 137 7.11 -19.94 19.91
N SER A 138 6.92 -18.69 20.33
CA SER A 138 6.85 -18.33 21.73
C SER A 138 5.51 -18.69 22.35
N ALA A 139 5.14 -19.98 22.24
CA ALA A 139 3.89 -20.55 22.79
C ALA A 139 3.47 -19.92 24.13
N GLY A 140 4.43 -19.58 24.98
CA GLY A 140 4.17 -18.89 26.25
C GLY A 140 3.68 -17.45 26.09
N GLN A 141 3.96 -16.86 24.92
CA GLN A 141 3.56 -15.49 24.66
C GLN A 141 2.17 -15.45 24.12
N TRP A 142 1.64 -16.58 23.67
CA TRP A 142 0.23 -16.60 23.30
C TRP A 142 -0.70 -16.46 24.52
N GLY A 143 -0.13 -16.43 25.72
CA GLY A 143 -0.92 -16.44 26.98
C GLY A 143 -2.13 -15.51 27.02
N LEU A 144 -1.85 -14.21 26.94
CA LEU A 144 -2.92 -13.23 26.90
C LEU A 144 -3.86 -13.46 25.71
N PHE A 145 -3.28 -13.73 24.53
CA PHE A 145 -4.11 -13.94 23.36
C PHE A 145 -5.09 -15.06 23.63
N ASP A 146 -4.61 -16.12 24.30
CA ASP A 146 -5.43 -17.29 24.56
C ASP A 146 -6.56 -16.98 25.55
N ARG A 147 -6.38 -15.95 26.38
CA ARG A 147 -7.40 -15.51 27.34
C ARG A 147 -8.49 -14.69 26.69
N ASN A 148 -8.18 -14.05 25.56
CA ASN A 148 -9.14 -13.23 24.83
C ASN A 148 -9.99 -14.08 23.89
N PHE A 149 -10.67 -15.03 24.50
CA PHE A 149 -11.44 -16.05 23.81
C PHE A 149 -12.88 -15.86 24.26
N GLY A 150 -13.75 -15.49 23.33
CA GLY A 150 -15.15 -15.26 23.63
C GLY A 150 -15.59 -13.97 23.02
N ARG A 151 -15.56 -13.92 21.70
CA ARG A 151 -15.92 -12.72 20.97
C ARG A 151 -17.32 -12.95 20.42
N SER A 152 -18.10 -11.88 20.26
CA SER A 152 -19.48 -11.98 19.78
C SER A 152 -19.57 -11.68 18.29
N ASP A 153 -20.53 -12.31 17.61
CA ASP A 153 -20.69 -12.10 16.17
C ASP A 153 -21.53 -10.86 15.81
N ALA A 154 -21.00 -10.06 14.89
CA ALA A 154 -21.76 -9.02 14.24
C ALA A 154 -22.80 -9.69 13.33
N THR A 155 -23.89 -9.00 13.05
CA THR A 155 -25.00 -9.61 12.31
C THR A 155 -25.06 -9.02 10.92
N GLU A 156 -24.02 -8.30 10.56
CA GLU A 156 -23.97 -7.70 9.25
C GLU A 156 -22.59 -7.15 8.99
N ALA A 157 -22.37 -6.78 7.73
CA ALA A 157 -21.12 -6.20 7.27
C ALA A 157 -20.70 -5.01 8.12
N ASP A 158 -19.40 -4.71 8.15
CA ASP A 158 -18.94 -3.50 8.82
C ASP A 158 -19.05 -2.40 7.82
N PRO A 159 -19.11 -1.15 8.28
CA PRO A 159 -19.35 -0.07 7.34
C PRO A 159 -18.25 -0.11 6.30
N GLU A 160 -18.52 0.38 5.08
CA GLU A 160 -17.51 0.34 4.03
C GLU A 160 -16.49 1.48 4.22
N GLY A 161 -15.35 1.39 3.54
CA GLY A 161 -14.42 2.54 3.46
C GLY A 161 -13.39 2.70 4.58
N ARG A 162 -13.03 1.62 5.25
CA ARG A 162 -12.15 1.70 6.41
C ARG A 162 -10.91 0.80 6.30
N VAL A 163 -10.79 0.13 5.17
CA VAL A 163 -9.71 -0.81 4.93
C VAL A 163 -9.02 -0.60 3.57
N PRO A 164 -7.70 -0.39 3.61
CA PRO A 164 -6.95 -0.23 2.37
C PRO A 164 -6.91 -1.50 1.56
N GLN A 165 -6.74 -1.36 0.26
CA GLN A 165 -6.38 -2.48 -0.56
C GLN A 165 -4.90 -2.55 -0.42
N TRP A 166 -4.45 -3.33 0.56
CA TRP A 166 -3.03 -3.36 0.96
C TRP A 166 -2.05 -3.47 -0.21
N GLY A 167 -2.42 -4.31 -1.18
CA GLY A 167 -1.58 -4.58 -2.34
C GLY A 167 -1.34 -3.41 -3.26
N LYS A 168 -2.25 -2.43 -3.21
CA LYS A 168 -2.11 -1.25 -4.05
C LYS A 168 -1.90 -0.02 -3.20
N ALA A 169 -1.67 -0.19 -1.92
CA ALA A 169 -1.61 0.94 -1.04
C ALA A 169 -0.21 1.54 -0.96
N THR A 170 -0.12 2.87 -0.86
CA THR A 170 1.15 3.52 -0.54
C THR A 170 1.41 3.31 0.94
N VAL A 171 2.67 3.47 1.38
CA VAL A 171 3.06 3.19 2.77
C VAL A 171 2.34 4.14 3.75
N GLN A 172 2.14 5.39 3.32
CA GLN A 172 1.38 6.35 4.13
C GLN A 172 -0.13 6.01 4.31
N GLU A 173 -0.79 5.45 3.28
CA GLU A 173 -2.16 4.97 3.49
C GLU A 173 -2.08 3.88 4.54
N MSE A 174 -1.01 3.09 4.46
CA MSE A 174 -0.77 2.01 5.40
C MSE A 174 -0.49 2.45 6.84
O MSE A 174 -1.15 1.95 7.75
CB MSE A 174 0.31 1.04 4.88
CG MSE A 174 -0.28 -0.02 3.95
SE MSE A 174 1.06 -1.12 3.10
CE MSE A 174 1.93 -1.72 4.69
N LYS A 175 0.46 3.36 7.07
CA LYS A 175 0.66 3.90 8.41
C LYS A 175 -0.67 4.46 8.93
N ASP A 176 -1.36 5.28 8.14
CA ASP A 176 -2.65 5.89 8.59
C ASP A 176 -3.65 4.84 9.10
N LYS A 177 -3.67 3.67 8.50
CA LYS A 177 -4.59 2.66 8.96
C LYS A 177 -4.25 2.22 10.41
N PHE A 178 -2.97 1.92 10.65
CA PHE A 178 -2.49 1.54 11.98
C PHE A 178 -2.68 2.65 13.03
N ILE A 179 -2.35 3.87 12.65
CA ILE A 179 -2.57 4.99 13.51
C ILE A 179 -4.04 5.14 13.90
N ALA A 180 -4.94 5.07 12.90
CA ALA A 180 -6.40 5.27 13.09
C ALA A 180 -7.02 4.26 14.04
N VAL A 181 -6.30 3.16 14.22
CA VAL A 181 -6.75 2.10 15.09
C VAL A 181 -5.90 2.03 16.36
N GLY A 182 -5.09 3.05 16.60
CA GLY A 182 -4.35 3.13 17.85
C GLY A 182 -2.94 2.55 17.79
N LEU A 183 -2.54 1.99 16.65
CA LEU A 183 -1.20 1.44 16.48
C LEU A 183 -0.26 2.46 15.83
N GLY A 184 0.78 1.99 15.16
CA GLY A 184 1.74 2.92 14.61
C GLY A 184 2.83 2.20 13.84
N PRO A 185 3.82 2.94 13.40
CA PRO A 185 4.93 2.36 12.59
C PRO A 185 5.54 1.01 13.09
N ARG A 186 5.65 0.79 14.40
CA ARG A 186 6.26 -0.49 14.85
C ARG A 186 5.34 -1.67 14.59
N GLN A 187 4.04 -1.48 14.81
CA GLN A 187 3.08 -2.55 14.62
C GLN A 187 2.92 -2.82 13.15
N LEU A 188 2.93 -1.76 12.35
CA LEU A 188 2.90 -1.91 10.91
C LEU A 188 4.05 -2.81 10.42
N ALA A 189 5.25 -2.55 10.93
CA ALA A 189 6.40 -3.29 10.51
C ALA A 189 6.30 -4.77 10.92
N VAL A 190 6.01 -5.04 12.19
CA VAL A 190 6.06 -6.40 12.69
C VAL A 190 4.96 -7.28 12.09
N MSE A 191 3.89 -6.65 11.57
CA MSE A 191 2.77 -7.37 10.97
C MSE A 191 2.88 -7.49 9.47
O MSE A 191 1.95 -7.88 8.80
CB MSE A 191 1.43 -6.81 11.39
CG MSE A 191 1.14 -7.09 12.83
SE MSE A 191 -0.58 -6.53 13.45
CE MSE A 191 -1.56 -8.15 12.97
N SER A 192 4.08 -7.22 8.97
CA SER A 192 4.44 -7.51 7.58
C SER A 192 3.67 -8.66 6.91
N ALA A 193 3.72 -9.86 7.49
CA ALA A 193 3.19 -11.05 6.87
C ALA A 193 1.71 -10.96 6.59
N PHE A 194 1.01 -10.16 7.38
CA PHE A 194 -0.41 -10.02 7.25
C PHE A 194 -0.82 -9.26 6.01
N LEU A 195 0.10 -8.50 5.42
CA LEU A 195 -0.27 -7.54 4.37
C LEU A 195 -0.33 -8.11 2.96
N GLY A 196 0.34 -9.24 2.77
CA GLY A 196 0.53 -9.76 1.43
C GLY A 196 1.12 -11.13 1.52
N PRO A 197 1.13 -11.85 0.39
CA PRO A 197 1.64 -13.20 0.40
C PRO A 197 3.16 -13.26 0.40
N ASP A 198 3.81 -12.12 0.19
CA ASP A 198 5.28 -12.07 0.01
C ASP A 198 5.90 -11.07 0.95
N GLN A 199 6.21 -11.53 2.16
CA GLN A 199 6.72 -10.68 3.21
C GLN A 199 8.00 -9.94 2.85
N ALA A 200 8.90 -10.61 2.13
CA ALA A 200 10.10 -9.92 1.68
C ALA A 200 9.76 -8.70 0.83
N ALA A 201 8.79 -8.85 -0.07
CA ALA A 201 8.45 -7.76 -0.97
C ALA A 201 7.74 -6.66 -0.17
N THR A 202 6.79 -7.07 0.67
CA THR A 202 6.10 -6.13 1.56
C THR A 202 7.13 -5.34 2.33
N GLU A 203 8.05 -6.03 2.96
CA GLU A 203 9.08 -5.35 3.72
C GLU A 203 9.99 -4.44 2.88
N GLN A 204 10.25 -4.79 1.63
CA GLN A 204 11.05 -3.86 0.77
C GLN A 204 10.27 -2.52 0.65
N LEU A 205 8.98 -2.60 0.34
CA LEU A 205 8.15 -1.41 0.28
C LEU A 205 8.16 -0.66 1.60
N LEU A 206 7.89 -1.35 2.70
CA LEU A 206 7.88 -0.68 4.00
C LEU A 206 9.18 0.05 4.37
N ALA A 207 10.34 -0.49 3.99
CA ALA A 207 11.65 0.15 4.30
C ALA A 207 11.90 1.48 3.56
N THR A 208 11.03 1.81 2.61
CA THR A 208 11.20 3.08 1.86
C THR A 208 10.71 4.30 2.64
N ASP A 209 9.99 4.09 3.74
CA ASP A 209 9.52 5.20 4.57
C ASP A 209 10.35 5.26 5.83
N PRO A 210 10.96 6.41 6.11
CA PRO A 210 11.96 6.45 7.20
C PRO A 210 11.40 6.25 8.59
N GLN A 211 10.11 6.51 8.79
CA GLN A 211 9.48 6.21 10.08
C GLN A 211 9.38 4.73 10.40
N VAL A 212 9.20 3.90 9.37
CA VAL A 212 8.99 2.47 9.53
C VAL A 212 10.30 1.67 9.39
N ALA A 213 11.23 2.21 8.59
CA ALA A 213 12.52 1.58 8.31
C ALA A 213 13.22 0.91 9.51
N PRO A 214 13.37 1.63 10.63
CA PRO A 214 14.11 1.08 11.74
C PRO A 214 13.40 -0.11 12.36
N TRP A 215 12.10 -0.16 12.21
CA TRP A 215 11.37 -1.28 12.71
C TRP A 215 11.53 -2.48 11.82
N VAL A 216 11.53 -2.25 10.50
CA VAL A 216 11.74 -3.35 9.55
C VAL A 216 13.15 -3.89 9.67
N GLN A 217 14.14 -3.02 9.77
CA GLN A 217 15.48 -3.52 9.95
C GLN A 217 15.62 -4.28 11.28
N LYS A 218 15.00 -3.81 12.34
CA LYS A 218 15.07 -4.55 13.57
C LYS A 218 14.49 -5.97 13.40
N TYR A 219 13.34 -6.08 12.77
CA TYR A 219 12.69 -7.39 12.68
C TYR A 219 13.37 -8.31 11.69
N GLN A 220 13.95 -7.76 10.65
CA GLN A 220 14.81 -8.52 9.76
C GLN A 220 15.97 -9.12 10.54
N ARG A 221 16.60 -8.31 11.40
CA ARG A 221 17.73 -8.80 12.23
C ARG A 221 17.26 -9.93 13.13
N SER A 222 16.09 -9.76 13.72
CA SER A 222 15.62 -10.73 14.66
C SER A 222 15.30 -12.06 13.94
N ARG A 223 14.68 -11.95 12.78
CA ARG A 223 14.45 -13.11 11.96
C ARG A 223 15.71 -13.87 11.46
N GLU A 224 16.90 -13.24 11.52
CA GLU A 224 18.18 -13.93 11.18
C GLU A 224 18.79 -14.70 12.38
N THR A 225 18.42 -14.33 13.60
CA THR A 225 18.91 -15.08 14.75
C THR A 225 18.13 -16.36 14.75
N VAL A 226 18.71 -17.39 15.34
CA VAL A 226 18.05 -18.67 15.35
C VAL A 226 16.64 -18.60 15.95
N SER A 227 16.51 -18.05 17.16
CA SER A 227 15.21 -18.03 17.87
C SER A 227 14.22 -16.94 17.44
N GLN A 228 14.70 -15.90 16.75
CA GLN A 228 13.86 -14.73 16.37
C GLN A 228 12.86 -14.27 17.43
N THR A 229 13.33 -14.15 18.66
CA THR A 229 12.46 -13.89 19.80
C THR A 229 11.70 -12.55 19.72
N ASP A 230 12.39 -11.46 19.39
CA ASP A 230 11.72 -10.15 19.37
C ASP A 230 10.67 -10.01 18.24
N TYR A 231 10.94 -10.61 17.07
CA TYR A 231 9.95 -10.67 16.02
C TYR A 231 8.70 -11.41 16.51
N GLU A 232 8.93 -12.59 17.05
CA GLU A 232 7.81 -13.43 17.49
C GLU A 232 6.99 -12.77 18.59
N VAL A 233 7.68 -12.21 19.58
CA VAL A 233 7.00 -11.64 20.75
C VAL A 233 6.22 -10.40 20.36
N ASP A 234 6.84 -9.53 19.57
CA ASP A 234 6.17 -8.29 19.20
C ASP A 234 4.97 -8.53 18.27
N LEU A 235 5.09 -9.46 17.34
CA LEU A 235 3.98 -9.78 16.49
C LEU A 235 2.78 -10.18 17.35
N ILE A 236 3.00 -11.17 18.20
CA ILE A 236 1.95 -11.59 19.12
C ILE A 236 1.36 -10.40 19.90
N THR A 237 2.19 -9.55 20.42
CA THR A 237 1.69 -8.42 21.18
C THR A 237 0.72 -7.54 20.37
N ALA A 238 1.10 -7.20 19.15
CA ALA A 238 0.30 -6.30 18.35
C ALA A 238 -0.92 -7.06 17.75
N PHE A 239 -0.74 -8.32 17.44
CA PHE A 239 -1.84 -9.09 16.90
C PHE A 239 -2.89 -9.17 18.01
N THR A 240 -2.43 -9.48 19.22
CA THR A 240 -3.28 -9.56 20.40
C THR A 240 -4.15 -8.32 20.58
N LYS A 241 -3.54 -7.15 20.53
CA LYS A 241 -4.28 -5.91 20.55
C LYS A 241 -5.29 -5.84 19.38
N LEU A 242 -4.89 -6.30 18.20
CA LEU A 242 -5.75 -6.14 17.05
C LEU A 242 -6.97 -7.04 17.11
N SER A 243 -6.79 -8.27 17.58
CA SER A 243 -7.87 -9.27 17.56
C SER A 243 -9.01 -9.05 18.55
N CYS A 244 -8.84 -8.17 19.52
CA CYS A 244 -9.97 -7.97 20.42
C CYS A 244 -10.52 -6.56 20.41
N LEU A 245 -10.34 -5.84 19.30
CA LEU A 245 -10.74 -4.45 19.22
C LEU A 245 -12.21 -4.26 18.95
N GLY A 246 -12.84 -3.39 19.76
CA GLY A 246 -14.30 -3.20 19.74
C GLY A 246 -15.06 -4.34 20.40
N GLN A 247 -14.32 -5.39 20.77
CA GLN A 247 -14.93 -6.54 21.40
C GLN A 247 -14.83 -6.51 22.91
N GLN A 248 -15.95 -6.81 23.57
CA GLN A 248 -15.95 -7.15 24.99
C GLN A 248 -16.01 -8.65 25.05
N ILE A 249 -14.99 -9.24 25.66
CA ILE A 249 -14.87 -10.68 25.73
C ILE A 249 -15.79 -11.22 26.79
N ASN A 250 -16.51 -12.29 26.44
CA ASN A 250 -17.22 -13.05 27.43
C ASN A 250 -16.29 -14.11 27.97
N PHE A 251 -15.77 -13.91 29.17
CA PHE A 251 -14.78 -14.82 29.71
C PHE A 251 -15.32 -16.18 30.08
N GLU A 252 -16.64 -16.29 30.05
CA GLU A 252 -17.31 -17.56 30.34
C GLU A 252 -17.85 -18.27 29.08
N ALA A 253 -17.60 -17.71 27.91
CA ALA A 253 -18.05 -18.31 26.65
C ALA A 253 -17.49 -19.73 26.47
N TYR A 254 -18.35 -20.65 26.00
CA TYR A 254 -17.97 -22.05 25.69
C TYR A 254 -17.91 -22.89 26.96
N THR A 255 -18.59 -22.40 27.99
CA THR A 255 -18.68 -23.04 29.28
C THR A 255 -19.91 -23.96 29.34
N TYR A 256 -19.89 -24.93 30.25
CA TYR A 256 -20.94 -25.94 30.31
C TYR A 256 -20.98 -26.53 31.70
N PRO A 257 -22.05 -27.24 32.05
CA PRO A 257 -22.13 -27.89 33.37
C PRO A 257 -20.98 -28.89 33.62
N VAL A 258 -20.44 -28.88 34.83
CA VAL A 258 -19.19 -29.61 35.18
C VAL A 258 -19.34 -31.14 35.42
N LEU B 4 17.34 -10.34 -5.36
CA LEU B 4 18.25 -9.43 -4.59
C LEU B 4 19.16 -8.73 -5.55
N ASN B 5 19.83 -9.52 -6.38
CA ASN B 5 20.79 -8.96 -7.29
C ASN B 5 20.09 -8.14 -8.34
N GLN B 6 18.84 -8.50 -8.61
CA GLN B 6 17.99 -7.75 -9.54
C GLN B 6 17.58 -6.41 -8.92
N ARG B 7 17.10 -6.45 -7.68
CA ARG B 7 16.75 -5.25 -6.96
C ARG B 7 17.89 -4.26 -6.99
N ARG B 8 19.10 -4.77 -6.78
CA ARG B 8 20.30 -3.94 -6.76
C ARG B 8 20.63 -3.31 -8.11
N GLN B 9 20.57 -4.10 -9.18
CA GLN B 9 20.80 -3.58 -10.53
C GLN B 9 19.81 -2.44 -10.88
N ARG B 10 18.52 -2.66 -10.64
CA ARG B 10 17.48 -1.66 -10.93
C ARG B 10 17.57 -0.40 -10.04
N SER B 11 17.97 -0.58 -8.78
CA SER B 11 18.16 0.56 -7.87
C SER B 11 19.26 1.54 -8.28
N GLU B 12 20.42 1.03 -8.67
CA GLU B 12 21.51 1.90 -9.10
C GLU B 12 21.12 2.62 -10.39
N PHE B 13 20.45 1.90 -11.29
CA PHE B 13 19.96 2.46 -12.54
C PHE B 13 18.91 3.57 -12.32
N GLN B 14 17.88 3.28 -11.54
CA GLN B 14 16.86 4.28 -11.24
C GLN B 14 17.47 5.45 -10.49
N SER B 15 18.30 5.17 -9.49
CA SER B 15 18.95 6.22 -8.74
C SER B 15 19.82 7.10 -9.64
N LYS B 16 20.47 6.49 -10.62
CA LYS B 16 21.27 7.26 -11.60
C LYS B 16 20.41 8.04 -12.57
N ILE B 17 19.18 7.61 -12.75
CA ILE B 17 18.25 8.33 -13.61
C ILE B 17 17.69 9.58 -12.89
N LYS B 18 17.25 9.43 -11.64
CA LYS B 18 16.70 10.57 -10.88
C LYS B 18 17.79 11.60 -10.66
N ILE B 19 18.98 11.10 -10.30
CA ILE B 19 20.15 11.93 -9.98
C ILE B 19 20.51 12.87 -11.13
N LEU B 20 20.44 12.36 -12.37
CA LEU B 20 20.67 13.18 -13.56
C LEU B 20 19.46 14.06 -13.89
N LEU B 21 18.26 13.51 -13.73
CA LEU B 21 17.04 14.26 -13.97
C LEU B 21 16.96 15.52 -13.13
N SER B 22 17.39 15.45 -11.89
CA SER B 22 17.32 16.66 -11.07
C SER B 22 18.32 17.72 -11.54
N THR B 23 19.51 17.28 -11.94
CA THR B 23 20.50 18.21 -12.48
C THR B 23 19.96 18.93 -13.72
N THR B 24 19.37 18.17 -14.63
CA THR B 24 18.90 18.77 -15.88
C THR B 24 17.73 19.74 -15.67
N ILE B 25 16.87 19.42 -14.71
CA ILE B 25 15.72 20.24 -14.43
C ILE B 25 16.10 21.50 -13.63
N LYS B 26 17.06 21.34 -12.71
CA LYS B 26 17.59 22.45 -11.93
C LYS B 26 18.00 23.60 -12.85
N ALA B 27 18.54 23.24 -14.02
CA ALA B 27 19.14 24.19 -14.94
C ALA B 27 18.17 24.71 -15.99
N LYS B 28 16.92 24.25 -15.92
CA LYS B 28 15.89 24.66 -16.88
C LYS B 28 14.52 24.55 -16.20
N PRO B 29 14.35 25.26 -15.08
CA PRO B 29 13.17 25.19 -14.24
C PRO B 29 11.87 25.51 -14.98
N GLU B 30 11.93 26.41 -15.96
CA GLU B 30 10.76 26.79 -16.73
C GLU B 30 10.05 25.59 -17.38
N LEU B 31 10.74 24.47 -17.52
CA LEU B 31 10.14 23.32 -18.16
C LEU B 31 9.31 22.50 -17.22
N VAL B 32 9.47 22.75 -15.93
CA VAL B 32 8.79 21.95 -14.94
C VAL B 32 7.34 21.66 -15.27
N PRO B 33 6.54 22.71 -15.55
CA PRO B 33 5.13 22.51 -15.92
C PRO B 33 5.00 21.63 -17.15
N SER B 34 5.94 21.74 -18.09
CA SER B 34 5.87 20.92 -19.28
C SER B 34 6.03 19.46 -18.91
N LEU B 35 6.87 19.21 -17.91
CA LEU B 35 7.17 17.83 -17.55
C LEU B 35 6.02 17.21 -16.82
N LEU B 36 5.26 18.02 -16.09
CA LEU B 36 4.16 17.48 -15.34
C LEU B 36 3.06 17.13 -16.31
N LYS B 37 2.87 17.96 -17.32
CA LYS B 37 1.83 17.70 -18.31
C LYS B 37 2.16 16.51 -19.23
N LEU B 38 3.44 16.30 -19.50
CA LEU B 38 3.81 15.14 -20.30
C LEU B 38 3.38 13.86 -19.58
N ALA B 39 3.70 13.78 -18.29
CA ALA B 39 3.33 12.63 -17.49
C ALA B 39 1.80 12.42 -17.46
N LEU B 40 1.07 13.54 -17.34
CA LEU B 40 -0.37 13.49 -17.27
C LEU B 40 -1.01 13.07 -18.59
N ASN B 41 -0.62 13.72 -19.68
CA ASN B 41 -1.21 13.45 -21.01
C ASN B 41 -0.88 12.10 -21.64
N ASP B 42 0.22 11.50 -21.23
CA ASP B 42 0.54 10.15 -21.65
C ASP B 42 -0.34 9.22 -20.87
N ALA B 43 -0.68 9.61 -19.65
CA ALA B 43 -1.44 8.69 -18.81
C ALA B 43 -2.92 8.83 -19.04
N MSE B 44 -3.36 10.05 -19.38
CA MSE B 44 -4.80 10.35 -19.48
C MSE B 44 -5.52 9.66 -20.66
O MSE B 44 -6.75 9.74 -20.74
CB MSE B 44 -5.07 11.86 -19.47
CG MSE B 44 -5.08 12.48 -18.07
SE MSE B 44 -6.28 11.53 -16.80
CE MSE B 44 -6.23 12.74 -15.31
N THR B 45 -4.76 8.96 -21.51
CA THR B 45 -5.36 8.22 -22.66
C THR B 45 -5.93 6.85 -22.29
N TYR B 46 -5.76 6.44 -21.04
CA TYR B 46 -6.24 5.14 -20.60
C TYR B 46 -7.75 5.00 -20.70
N ASP B 47 -8.21 3.84 -21.16
CA ASP B 47 -9.64 3.54 -21.31
C ASP B 47 -9.93 2.13 -20.80
N LYS B 48 -10.67 2.03 -19.70
CA LYS B 48 -10.95 0.75 -19.06
C LYS B 48 -11.66 -0.24 -19.98
N ALA B 49 -12.64 0.24 -20.73
CA ALA B 49 -13.46 -0.63 -21.59
C ALA B 49 -12.65 -1.35 -22.66
N THR B 50 -11.60 -0.69 -23.15
CA THR B 50 -10.72 -1.30 -24.14
C THR B 50 -9.52 -1.91 -23.48
N LYS B 51 -9.19 -1.44 -22.27
CA LYS B 51 -7.93 -1.80 -21.63
C LYS B 51 -6.81 -1.35 -22.58
N SER B 52 -6.81 -0.05 -22.90
CA SER B 52 -5.87 0.50 -23.87
C SER B 52 -5.52 1.93 -23.53
N GLY B 53 -4.36 2.38 -23.97
CA GLY B 53 -3.88 3.73 -23.67
C GLY B 53 -3.14 3.68 -22.36
N GLY B 54 -2.91 4.84 -21.75
CA GLY B 54 -2.19 4.90 -20.49
C GLY B 54 -0.73 5.25 -20.64
N ALA B 55 -0.02 5.23 -19.51
CA ALA B 55 1.39 5.62 -19.47
C ALA B 55 2.29 4.61 -20.20
N ASN B 56 2.41 4.79 -21.51
CA ASN B 56 3.10 3.85 -22.41
C ASN B 56 4.11 4.55 -23.28
N GLY B 57 4.28 5.84 -23.02
CA GLY B 57 5.17 6.68 -23.79
C GLY B 57 4.68 6.99 -25.20
N SER B 58 3.40 6.76 -25.47
CA SER B 58 2.84 6.99 -26.83
C SER B 58 2.94 8.48 -27.24
N ILE B 59 2.94 9.37 -26.24
CA ILE B 59 2.95 10.80 -26.48
C ILE B 59 4.17 11.30 -27.25
N ARG B 60 5.24 10.50 -27.29
CA ARG B 60 6.43 10.89 -28.01
C ARG B 60 6.23 10.88 -29.52
N PHE B 61 5.30 10.07 -30.00
CA PHE B 61 5.11 9.96 -31.44
C PHE B 61 4.72 11.30 -32.02
N SER B 62 5.07 11.49 -33.28
CA SER B 62 4.87 12.77 -33.94
C SER B 62 3.42 13.25 -33.86
N SER B 63 2.48 12.34 -34.10
CA SER B 63 1.09 12.71 -34.31
C SER B 63 0.28 12.83 -33.04
N GLU B 64 0.92 12.62 -31.89
CA GLU B 64 0.25 12.85 -30.62
C GLU B 64 0.69 14.17 -30.00
N LEU B 65 1.97 14.52 -30.19
CA LEU B 65 2.55 15.76 -29.68
C LEU B 65 2.01 17.01 -30.39
N SER B 66 1.62 16.85 -31.64
CA SER B 66 1.08 17.93 -32.44
C SER B 66 -0.38 18.22 -32.07
N ARG B 67 -1.03 17.29 -31.38
CA ARG B 67 -2.45 17.42 -31.06
C ARG B 67 -2.63 18.63 -30.17
N ALA B 68 -3.84 19.17 -30.10
CA ALA B 68 -4.10 20.38 -29.32
C ALA B 68 -3.66 20.27 -27.84
N GLU B 69 -4.08 19.19 -27.18
CA GLU B 69 -3.80 19.02 -25.76
C GLU B 69 -2.32 19.02 -25.41
N ASN B 70 -1.50 18.55 -26.33
CA ASN B 70 -0.07 18.42 -26.07
C ASN B 70 0.73 19.54 -26.72
N GLU B 71 0.09 20.69 -26.87
CA GLU B 71 0.74 21.87 -27.47
C GLU B 71 1.82 22.33 -26.51
N GLY B 72 2.89 22.92 -27.06
CA GLY B 72 3.96 23.50 -26.26
C GLY B 72 4.71 22.52 -25.37
N LEU B 73 4.55 21.23 -25.62
CA LEU B 73 5.27 20.25 -24.82
C LEU B 73 6.62 19.87 -25.45
N SER B 74 6.90 20.37 -26.66
CA SER B 74 8.14 20.05 -27.39
C SER B 74 9.43 20.20 -26.56
N ASP B 75 9.64 21.38 -26.00
CA ASP B 75 10.90 21.68 -25.31
C ASP B 75 11.08 20.81 -24.06
N GLY B 76 9.97 20.53 -23.39
CA GLY B 76 10.01 19.61 -22.26
C GLY B 76 10.37 18.21 -22.67
N LEU B 77 10.10 17.87 -23.92
CA LEU B 77 10.39 16.55 -24.40
C LEU B 77 11.86 16.41 -24.83
N SER B 78 12.42 17.47 -25.40
CA SER B 78 13.84 17.44 -25.81
C SER B 78 14.65 17.16 -24.57
N LEU B 79 14.28 17.81 -23.46
CA LEU B 79 14.96 17.66 -22.18
C LEU B 79 14.98 16.20 -21.82
N ILE B 80 13.80 15.58 -21.92
CA ILE B 80 13.65 14.17 -21.66
C ILE B 80 14.50 13.29 -22.58
N GLU B 81 14.29 13.43 -23.89
CA GLU B 81 15.03 12.62 -24.89
C GLU B 81 16.52 12.68 -24.59
N GLU B 82 17.02 13.90 -24.38
CA GLU B 82 18.42 14.17 -24.01
C GLU B 82 18.89 13.31 -22.82
N VAL B 83 18.10 13.30 -21.76
CA VAL B 83 18.46 12.54 -20.58
C VAL B 83 18.43 11.04 -20.87
N LYS B 84 17.54 10.62 -21.77
CA LYS B 84 17.47 9.22 -22.19
C LYS B 84 18.74 8.84 -22.94
N LYS B 85 19.17 9.71 -23.86
CA LYS B 85 20.41 9.53 -24.63
C LYS B 85 21.60 9.17 -23.75
N GLU B 86 21.80 9.92 -22.66
CA GLU B 86 22.92 9.67 -21.75
C GLU B 86 22.85 8.31 -21.09
N ILE B 87 21.82 8.14 -20.26
CA ILE B 87 21.64 6.93 -19.47
C ILE B 87 21.63 5.69 -20.37
N ASP B 88 21.03 5.82 -21.55
CA ASP B 88 21.02 4.74 -22.55
C ASP B 88 22.42 4.33 -23.00
N SER B 89 23.30 5.32 -23.19
CA SER B 89 24.66 5.08 -23.69
C SER B 89 25.50 4.35 -22.64
N ILE B 90 25.18 4.57 -21.38
CA ILE B 90 25.82 3.85 -20.29
C ILE B 90 24.82 3.01 -19.49
N SER B 91 23.81 2.50 -20.17
CA SER B 91 22.93 1.52 -19.58
C SER B 91 23.63 0.17 -19.60
N LYS B 92 23.81 -0.40 -18.42
CA LYS B 92 24.43 -1.72 -18.32
C LYS B 92 23.40 -2.82 -18.64
N GLY B 93 22.12 -2.43 -18.74
CA GLY B 93 21.01 -3.36 -18.96
C GLY B 93 19.90 -2.92 -19.89
N GLY B 94 20.25 -2.28 -21.01
CA GLY B 94 19.27 -1.96 -22.05
C GLY B 94 18.61 -0.58 -21.95
N PRO B 95 18.04 -0.12 -23.06
CA PRO B 95 17.38 1.17 -23.23
C PRO B 95 16.17 1.41 -22.30
N ILE B 96 16.28 2.38 -21.39
CA ILE B 96 15.14 2.78 -20.59
C ILE B 96 13.99 3.08 -21.53
N SER B 97 12.77 2.78 -21.10
CA SER B 97 11.64 2.99 -21.96
C SER B 97 11.16 4.41 -21.83
N TYR B 98 10.74 4.99 -22.94
CA TYR B 98 10.13 6.29 -22.88
C TYR B 98 9.04 6.28 -21.80
N ALA B 99 8.30 5.18 -21.71
CA ALA B 99 7.23 5.08 -20.71
C ALA B 99 7.70 5.40 -19.29
N ASP B 100 8.89 4.95 -18.93
CA ASP B 100 9.37 5.23 -17.58
C ASP B 100 9.96 6.59 -17.45
N ILE B 101 10.83 6.96 -18.38
CA ILE B 101 11.52 8.24 -18.29
C ILE B 101 10.55 9.41 -18.22
N ILE B 102 9.43 9.30 -18.93
CA ILE B 102 8.38 10.31 -18.86
C ILE B 102 7.74 10.40 -17.48
N GLN B 103 7.46 9.25 -16.86
CA GLN B 103 6.92 9.24 -15.50
C GLN B 103 8.01 9.65 -14.52
N LEU B 104 9.22 9.16 -14.74
CA LEU B 104 10.35 9.49 -13.86
C LEU B 104 10.73 11.00 -13.85
N ALA B 105 10.54 11.69 -14.98
CA ALA B 105 10.78 13.14 -15.04
C ALA B 105 9.60 13.87 -14.42
N GLY B 106 8.41 13.29 -14.55
CA GLY B 106 7.26 13.82 -13.86
C GLY B 106 7.57 13.81 -12.38
N GLN B 107 8.10 12.68 -11.90
CA GLN B 107 8.48 12.54 -10.47
C GLN B 107 9.56 13.55 -10.04
N SER B 108 10.63 13.68 -10.82
CA SER B 108 11.68 14.64 -10.47
C SER B 108 11.11 16.06 -10.42
N ALA B 109 10.16 16.36 -11.30
CA ALA B 109 9.62 17.70 -11.36
C ALA B 109 8.71 17.97 -10.19
N VAL B 110 8.08 16.94 -9.67
CA VAL B 110 7.24 17.15 -8.53
C VAL B 110 8.17 17.46 -7.37
N LYS B 111 9.27 16.70 -7.27
CA LYS B 111 10.20 16.95 -6.20
C LYS B 111 10.72 18.38 -6.33
N PHE B 112 10.93 18.82 -7.55
CA PHE B 112 11.43 20.17 -7.74
C PHE B 112 10.45 21.22 -7.18
N THR B 113 9.15 21.08 -7.43
CA THR B 113 8.17 22.03 -6.90
C THR B 113 8.14 22.05 -5.39
N TYR B 114 8.31 20.91 -4.76
CA TYR B 114 8.32 20.88 -3.31
C TYR B 114 9.55 21.64 -2.81
N LEU B 115 10.69 21.40 -3.45
CA LEU B 115 11.92 22.04 -3.04
C LEU B 115 11.89 23.57 -3.28
N ALA B 116 11.23 24.00 -4.35
CA ALA B 116 11.18 25.41 -4.64
C ALA B 116 10.28 26.12 -3.61
N SER B 117 9.30 25.41 -3.08
CA SER B 117 8.48 25.90 -1.96
C SER B 117 9.28 26.07 -0.67
N ALA B 118 9.95 25.01 -0.27
CA ALA B 118 10.76 25.03 0.93
C ALA B 118 11.77 26.19 0.92
N ILE B 119 12.31 26.50 -0.27
CA ILE B 119 13.37 27.50 -0.40
C ILE B 119 12.76 28.85 -0.27
N ARG B 120 11.61 29.02 -0.92
CA ARG B 120 10.88 30.30 -0.79
C ARG B 120 10.44 30.55 0.67
N LYS B 121 9.94 29.52 1.32
CA LYS B 121 9.50 29.62 2.72
C LYS B 121 10.63 30.01 3.66
N CYS B 122 11.85 29.62 3.30
CA CYS B 122 13.05 30.06 4.02
C CYS B 122 13.63 31.27 3.41
N GLY B 123 12.78 32.04 2.75
CA GLY B 123 13.17 33.36 2.29
C GLY B 123 14.23 33.38 1.20
N GLY B 124 14.36 32.27 0.46
CA GLY B 124 15.26 32.23 -0.68
C GLY B 124 16.61 31.64 -0.36
N ASN B 125 16.77 31.25 0.89
CA ASN B 125 18.01 30.62 1.36
C ASN B 125 17.98 29.15 0.95
N GLU B 126 18.86 28.80 0.02
CA GLU B 126 18.91 27.48 -0.58
C GLU B 126 19.40 26.42 0.38
N GLU B 127 20.46 26.70 1.12
CA GLU B 127 20.98 25.75 2.07
C GLU B 127 19.88 25.38 3.04
N LYS B 128 19.24 26.39 3.66
CA LYS B 128 18.10 26.18 4.56
C LYS B 128 16.92 25.48 3.86
N GLY B 129 16.60 25.97 2.67
CA GLY B 129 15.60 25.30 1.85
C GLY B 129 15.87 23.81 1.67
N ASN B 130 17.13 23.43 1.47
CA ASN B 130 17.48 22.02 1.26
C ASN B 130 17.34 21.20 2.53
N LEU B 131 17.68 21.83 3.64
CA LEU B 131 17.54 21.21 4.94
C LEU B 131 16.07 20.94 5.22
N LEU B 132 15.25 21.96 5.06
CA LEU B 132 13.83 21.83 5.39
C LEU B 132 13.18 20.76 4.51
N TYR B 133 13.44 20.81 3.20
CA TYR B 133 12.87 19.84 2.25
C TYR B 133 13.35 18.41 2.45
N THR B 134 14.61 18.25 2.87
CA THR B 134 15.13 16.93 3.07
C THR B 134 14.41 16.30 4.24
N ALA B 135 13.92 17.15 5.13
CA ALA B 135 13.17 16.69 6.32
C ALA B 135 11.65 16.56 6.07
N TYR B 136 11.06 17.56 5.45
CA TYR B 136 9.63 17.60 5.34
C TYR B 136 9.16 17.52 3.86
N GLY B 137 10.01 16.99 2.99
CA GLY B 137 9.63 16.83 1.58
C GLY B 137 8.82 15.57 1.25
N SER B 138 8.45 14.80 2.29
CA SER B 138 7.69 13.56 2.10
C SER B 138 8.41 12.56 1.20
N ALA B 139 9.73 12.65 1.18
CA ALA B 139 10.55 11.67 0.50
C ALA B 139 10.06 10.24 0.73
N GLY B 140 9.60 9.95 1.94
CA GLY B 140 9.22 8.60 2.32
C GLY B 140 7.91 8.06 1.76
N GLN B 141 7.28 8.82 0.88
CA GLN B 141 5.99 8.39 0.36
C GLN B 141 6.10 7.90 -1.09
N TRP B 142 7.29 8.03 -1.68
CA TRP B 142 7.50 7.67 -3.07
C TRP B 142 7.76 6.18 -3.27
N GLY B 143 7.68 5.43 -2.18
CA GLY B 143 8.00 4.01 -2.23
C GLY B 143 7.34 3.22 -3.35
N LEU B 144 6.00 3.20 -3.35
CA LEU B 144 5.26 2.42 -4.33
C LEU B 144 5.50 2.92 -5.77
N PHE B 145 5.55 4.25 -5.95
CA PHE B 145 5.86 4.83 -7.28
C PHE B 145 7.20 4.28 -7.87
N ASP B 146 8.23 4.27 -7.01
CA ASP B 146 9.56 3.77 -7.31
C ASP B 146 9.65 2.27 -7.57
N ARG B 147 8.73 1.53 -6.95
CA ARG B 147 8.66 0.11 -7.18
C ARG B 147 8.05 -0.14 -8.56
N ASN B 148 7.13 0.74 -8.97
CA ASN B 148 6.48 0.62 -10.29
C ASN B 148 7.37 1.15 -11.42
N PHE B 149 8.20 0.25 -11.93
CA PHE B 149 9.31 0.62 -12.78
C PHE B 149 9.56 -0.48 -13.85
N GLY B 150 9.41 -0.10 -15.11
CA GLY B 150 9.57 -1.05 -16.19
C GLY B 150 8.31 -1.14 -17.01
N ARG B 151 7.92 -0.02 -17.62
CA ARG B 151 6.76 0.06 -18.51
C ARG B 151 7.12 -0.32 -19.95
N SER B 152 6.21 -1.02 -20.63
CA SER B 152 6.43 -1.38 -22.04
C SER B 152 6.09 -0.18 -22.90
N ASP B 153 7.02 0.23 -23.76
CA ASP B 153 6.75 1.30 -24.70
C ASP B 153 5.73 0.84 -25.70
N ALA B 154 4.86 1.75 -26.12
CA ALA B 154 3.94 1.46 -27.21
C ALA B 154 4.63 1.91 -28.49
N THR B 155 4.11 1.43 -29.63
CA THR B 155 4.75 1.69 -30.93
C THR B 155 3.88 2.51 -31.88
N GLU B 156 2.79 3.07 -31.35
CA GLU B 156 1.99 4.08 -32.04
C GLU B 156 1.18 4.93 -31.08
N ALA B 157 0.87 6.13 -31.54
CA ALA B 157 0.02 7.05 -30.80
C ALA B 157 -1.21 6.35 -30.26
N ASP B 158 -1.62 6.76 -29.05
CA ASP B 158 -2.84 6.27 -28.45
C ASP B 158 -4.05 6.83 -29.21
N PRO B 159 -5.26 6.26 -28.98
CA PRO B 159 -6.44 6.80 -29.67
C PRO B 159 -6.71 8.26 -29.32
N GLU B 160 -7.21 9.01 -30.30
CA GLU B 160 -7.40 10.46 -30.19
C GLU B 160 -8.58 10.83 -29.35
N GLY B 161 -8.63 12.10 -28.92
CA GLY B 161 -9.80 12.68 -28.31
C GLY B 161 -10.25 12.12 -26.97
N ARG B 162 -9.31 11.59 -26.19
CA ARG B 162 -9.61 11.18 -24.81
C ARG B 162 -8.95 12.11 -23.82
N VAL B 163 -8.20 13.07 -24.33
CA VAL B 163 -7.51 13.99 -23.43
C VAL B 163 -7.99 15.41 -23.63
N PRO B 164 -8.56 15.99 -22.58
CA PRO B 164 -9.01 17.36 -22.68
C PRO B 164 -7.84 18.32 -22.81
N GLN B 165 -8.08 19.42 -23.51
CA GLN B 165 -7.15 20.52 -23.66
C GLN B 165 -7.29 21.33 -22.37
N TRP B 166 -6.51 20.97 -21.35
CA TRP B 166 -6.75 21.42 -19.96
C TRP B 166 -7.00 22.92 -19.77
N GLY B 167 -6.31 23.75 -20.55
CA GLY B 167 -6.41 25.20 -20.40
C GLY B 167 -7.64 25.83 -21.02
N LYS B 168 -8.43 25.06 -21.73
CA LYS B 168 -9.67 25.55 -22.35
C LYS B 168 -10.88 24.69 -21.94
N ALA B 169 -10.68 23.80 -20.96
CA ALA B 169 -11.72 22.86 -20.56
C ALA B 169 -12.46 23.34 -19.32
N THR B 170 -13.77 23.07 -19.29
CA THR B 170 -14.62 23.36 -18.14
C THR B 170 -14.18 22.44 -17.01
N VAL B 171 -14.61 22.74 -15.80
CA VAL B 171 -14.32 21.90 -14.67
C VAL B 171 -15.07 20.56 -14.80
N GLN B 172 -16.32 20.60 -15.25
CA GLN B 172 -17.08 19.36 -15.51
C GLN B 172 -16.27 18.42 -16.42
N GLU B 173 -15.73 18.97 -17.50
CA GLU B 173 -14.89 18.21 -18.41
C GLU B 173 -13.72 17.57 -17.70
N MSE B 174 -13.03 18.35 -16.88
CA MSE B 174 -11.84 17.83 -16.22
C MSE B 174 -12.26 16.77 -15.23
O MSE B 174 -11.74 15.66 -15.26
CB MSE B 174 -11.05 18.97 -15.53
CG MSE B 174 -10.32 19.91 -16.48
SE MSE B 174 -9.70 21.54 -15.57
CE MSE B 174 -9.20 20.77 -13.90
N LYS B 175 -13.25 17.09 -14.42
CA LYS B 175 -13.78 16.20 -13.40
C LYS B 175 -14.22 14.89 -14.04
N ASP B 176 -14.90 14.97 -15.19
CA ASP B 176 -15.36 13.74 -15.87
C ASP B 176 -14.19 12.88 -16.42
N LYS B 177 -13.12 13.54 -16.82
CA LYS B 177 -11.96 12.82 -17.31
C LYS B 177 -11.28 12.07 -16.17
N PHE B 178 -11.20 12.69 -14.99
CA PHE B 178 -10.60 12.01 -13.85
C PHE B 178 -11.46 10.88 -13.39
N ILE B 179 -12.76 11.04 -13.52
CA ILE B 179 -13.65 9.98 -13.14
C ILE B 179 -13.51 8.80 -14.10
N ALA B 180 -13.42 9.11 -15.40
CA ALA B 180 -13.41 8.08 -16.43
C ALA B 180 -12.22 7.12 -16.22
N VAL B 181 -11.11 7.70 -15.81
CA VAL B 181 -9.87 6.95 -15.61
C VAL B 181 -9.80 6.30 -14.23
N GLY B 182 -10.80 6.51 -13.39
CA GLY B 182 -10.85 5.85 -12.09
C GLY B 182 -10.49 6.73 -10.90
N LEU B 183 -10.36 8.04 -11.14
CA LEU B 183 -10.08 8.94 -10.05
C LEU B 183 -11.33 9.77 -9.72
N GLY B 184 -11.14 10.94 -9.11
CA GLY B 184 -12.25 11.79 -8.71
C GLY B 184 -11.89 13.24 -8.45
N PRO B 185 -12.84 14.01 -7.88
CA PRO B 185 -12.62 15.42 -7.60
C PRO B 185 -11.44 15.71 -6.69
N ARG B 186 -11.07 14.81 -5.79
CA ARG B 186 -9.96 15.14 -4.92
C ARG B 186 -8.60 15.00 -5.59
N GLN B 187 -8.46 14.03 -6.48
CA GLN B 187 -7.21 13.85 -7.17
C GLN B 187 -7.07 14.97 -8.18
N LEU B 188 -8.20 15.41 -8.72
CA LEU B 188 -8.20 16.51 -9.66
C LEU B 188 -7.64 17.77 -8.97
N ALA B 189 -8.06 18.00 -7.71
CA ALA B 189 -7.58 19.17 -6.96
C ALA B 189 -6.10 19.08 -6.55
N VAL B 190 -5.70 17.95 -5.96
CA VAL B 190 -4.31 17.71 -5.59
C VAL B 190 -3.33 17.72 -6.78
N MSE B 191 -3.80 17.36 -7.97
CA MSE B 191 -2.94 17.37 -9.15
C MSE B 191 -3.05 18.66 -9.94
O MSE B 191 -2.55 18.75 -11.05
CB MSE B 191 -3.19 16.12 -10.04
CG MSE B 191 -2.75 14.77 -9.34
SE MSE B 191 -2.83 13.34 -10.63
CE MSE B 191 -1.21 13.81 -11.62
N SER B 192 -3.62 19.67 -9.31
CA SER B 192 -3.70 21.02 -9.91
C SER B 192 -2.41 21.51 -10.64
N ALA B 193 -1.24 21.13 -10.14
CA ALA B 193 0.00 21.64 -10.74
C ALA B 193 0.27 21.00 -12.11
N PHE B 194 -0.42 19.91 -12.40
CA PHE B 194 -0.18 19.18 -13.64
C PHE B 194 -0.94 19.75 -14.82
N LEU B 195 -1.91 20.63 -14.57
CA LEU B 195 -2.90 21.01 -15.59
C LEU B 195 -2.61 22.31 -16.28
N GLY B 196 -1.68 23.09 -15.72
CA GLY B 196 -1.38 24.41 -16.26
C GLY B 196 -0.12 24.92 -15.61
N PRO B 197 0.44 26.01 -16.17
CA PRO B 197 1.68 26.59 -15.66
C PRO B 197 1.56 27.35 -14.31
N ASP B 198 0.33 27.72 -13.95
CA ASP B 198 0.10 28.59 -12.80
C ASP B 198 -0.97 27.96 -11.89
N GLN B 199 -0.53 27.29 -10.85
CA GLN B 199 -1.38 26.51 -10.00
C GLN B 199 -2.49 27.33 -9.35
N ALA B 200 -2.17 28.58 -8.97
CA ALA B 200 -3.15 29.46 -8.29
C ALA B 200 -4.32 29.78 -9.22
N ALA B 201 -4.00 29.89 -10.50
CA ALA B 201 -4.99 30.20 -11.50
C ALA B 201 -5.86 28.98 -11.68
N THR B 202 -5.24 27.85 -11.96
CA THR B 202 -5.96 26.58 -12.06
C THR B 202 -6.89 26.37 -10.86
N GLU B 203 -6.37 26.51 -9.65
CA GLU B 203 -7.20 26.36 -8.45
C GLU B 203 -8.33 27.38 -8.31
N GLN B 204 -8.16 28.56 -8.84
CA GLN B 204 -9.23 29.51 -8.76
C GLN B 204 -10.42 29.01 -9.64
N LEU B 205 -10.08 28.45 -10.81
CA LEU B 205 -11.11 27.88 -11.68
C LEU B 205 -11.80 26.69 -10.98
N LEU B 206 -10.99 25.76 -10.46
CA LEU B 206 -11.48 24.52 -9.86
C LEU B 206 -12.46 24.78 -8.70
N ALA B 207 -12.18 25.83 -7.93
CA ALA B 207 -12.94 26.11 -6.72
C ALA B 207 -14.33 26.64 -7.03
N THR B 208 -14.61 26.88 -8.30
CA THR B 208 -15.96 27.27 -8.70
C THR B 208 -16.87 26.03 -8.81
N ASP B 209 -16.26 24.85 -8.69
CA ASP B 209 -16.98 23.60 -8.67
C ASP B 209 -17.18 23.11 -7.21
N PRO B 210 -18.42 22.86 -6.81
CA PRO B 210 -18.76 22.50 -5.42
C PRO B 210 -18.24 21.14 -5.01
N GLN B 211 -17.85 20.32 -5.95
CA GLN B 211 -17.24 19.05 -5.58
C GLN B 211 -15.74 19.19 -5.42
N VAL B 212 -15.13 20.05 -6.25
CA VAL B 212 -13.69 20.19 -6.25
C VAL B 212 -13.22 21.19 -5.20
N ALA B 213 -14.01 22.22 -4.98
CA ALA B 213 -13.63 23.28 -4.09
C ALA B 213 -13.19 22.86 -2.69
N PRO B 214 -13.90 21.94 -2.02
CA PRO B 214 -13.42 21.67 -0.66
C PRO B 214 -12.06 20.99 -0.65
N TRP B 215 -11.75 20.20 -1.68
CA TRP B 215 -10.42 19.58 -1.80
C TRP B 215 -9.37 20.63 -2.11
N VAL B 216 -9.71 21.60 -2.98
CA VAL B 216 -8.81 22.70 -3.29
C VAL B 216 -8.46 23.49 -2.02
N GLN B 217 -9.48 23.89 -1.27
CA GLN B 217 -9.29 24.54 0.02
C GLN B 217 -8.39 23.75 0.98
N LYS B 218 -8.68 22.46 1.17
CA LYS B 218 -7.86 21.63 2.02
C LYS B 218 -6.38 21.72 1.57
N TYR B 219 -6.13 21.65 0.26
CA TYR B 219 -4.72 21.62 -0.22
C TYR B 219 -4.06 22.99 -0.12
N GLN B 220 -4.87 24.06 -0.26
CA GLN B 220 -4.42 25.42 0.02
C GLN B 220 -4.07 25.62 1.49
N ARG B 221 -4.89 25.17 2.42
CA ARG B 221 -4.50 25.28 3.82
C ARG B 221 -3.22 24.49 4.06
N SER B 222 -3.08 23.34 3.39
CA SER B 222 -1.85 22.53 3.59
C SER B 222 -0.60 23.29 3.12
N ARG B 223 -0.70 23.92 1.95
CA ARG B 223 0.42 24.65 1.41
C ARG B 223 0.76 25.96 2.18
N GLU B 224 -0.17 26.51 2.94
CA GLU B 224 0.16 27.60 3.81
C GLU B 224 0.92 27.12 5.06
N THR B 225 0.93 25.81 5.34
CA THR B 225 1.77 25.33 6.44
C THR B 225 3.18 25.18 5.93
N VAL B 226 4.15 25.09 6.85
CA VAL B 226 5.52 25.02 6.41
C VAL B 226 5.84 23.67 5.76
N SER B 227 5.32 22.60 6.31
CA SER B 227 5.68 21.31 5.78
C SER B 227 4.69 20.78 4.72
N GLN B 228 3.52 21.42 4.63
CA GLN B 228 2.51 21.04 3.63
C GLN B 228 2.46 19.52 3.38
N THR B 229 2.50 18.75 4.46
CA THR B 229 2.50 17.31 4.37
C THR B 229 1.37 16.73 3.47
N ASP B 230 0.12 17.13 3.74
CA ASP B 230 -1.06 16.54 3.12
C ASP B 230 -1.08 16.74 1.59
N TYR B 231 -0.72 17.94 1.17
CA TYR B 231 -0.62 18.22 -0.24
C TYR B 231 0.43 17.31 -0.83
N GLU B 232 1.60 17.32 -0.22
CA GLU B 232 2.73 16.53 -0.71
C GLU B 232 2.43 15.05 -0.77
N VAL B 233 1.85 14.50 0.30
CA VAL B 233 1.55 13.10 0.36
C VAL B 233 0.42 12.71 -0.58
N ASP B 234 -0.67 13.48 -0.57
CA ASP B 234 -1.82 13.11 -1.42
C ASP B 234 -1.52 13.23 -2.95
N LEU B 235 -0.62 14.13 -3.32
CA LEU B 235 -0.26 14.26 -4.72
C LEU B 235 0.51 12.99 -5.18
N ILE B 236 1.41 12.50 -4.33
CA ILE B 236 2.17 11.34 -4.66
C ILE B 236 1.23 10.13 -4.77
N THR B 237 0.28 10.00 -3.85
CA THR B 237 -0.71 8.96 -3.93
C THR B 237 -1.53 9.04 -5.23
N ALA B 238 -2.02 10.23 -5.59
CA ALA B 238 -2.74 10.33 -6.86
C ALA B 238 -1.82 10.03 -8.06
N PHE B 239 -0.61 10.56 -8.03
CA PHE B 239 0.30 10.47 -9.16
C PHE B 239 0.75 9.04 -9.38
N THR B 240 0.90 8.31 -8.27
CA THR B 240 1.29 6.89 -8.27
C THR B 240 0.28 6.04 -8.99
N LYS B 241 -1.00 6.27 -8.78
CA LYS B 241 -1.98 5.49 -9.47
C LYS B 241 -1.99 5.90 -10.94
N LEU B 242 -1.95 7.20 -11.22
CA LEU B 242 -2.00 7.67 -12.59
C LEU B 242 -0.87 7.10 -13.42
N SER B 243 0.33 7.04 -12.86
CA SER B 243 1.51 6.71 -13.63
C SER B 243 1.56 5.29 -14.17
N CYS B 244 0.74 4.39 -13.65
CA CYS B 244 0.85 3.01 -14.06
C CYS B 244 -0.48 2.36 -14.49
N LEU B 245 -1.38 3.18 -15.00
CA LEU B 245 -2.69 2.71 -15.41
C LEU B 245 -2.64 1.93 -16.68
N GLY B 246 -3.25 0.74 -16.66
CA GLY B 246 -3.30 -0.13 -17.83
C GLY B 246 -1.96 -0.79 -18.12
N GLN B 247 -0.99 -0.48 -17.27
CA GLN B 247 0.35 -0.99 -17.45
C GLN B 247 0.67 -2.18 -16.53
N GLN B 248 1.12 -3.30 -17.10
CA GLN B 248 1.72 -4.35 -16.28
C GLN B 248 3.20 -4.03 -16.16
N ILE B 249 3.68 -3.91 -14.94
CA ILE B 249 5.08 -3.63 -14.70
C ILE B 249 5.81 -4.95 -14.76
N ASN B 250 6.92 -4.97 -15.50
CA ASN B 250 7.81 -6.12 -15.55
C ASN B 250 8.91 -5.90 -14.55
N PHE B 251 8.94 -6.73 -13.52
CA PHE B 251 9.88 -6.52 -12.43
C PHE B 251 11.26 -7.07 -12.70
N GLU B 252 11.40 -7.87 -13.75
CA GLU B 252 12.71 -8.38 -14.17
C GLU B 252 13.34 -7.43 -15.21
N ALA B 253 12.73 -6.26 -15.40
CA ALA B 253 13.12 -5.28 -16.41
C ALA B 253 14.45 -4.58 -16.13
N TYR B 254 15.22 -4.36 -17.20
CA TYR B 254 16.47 -3.59 -17.14
C TYR B 254 17.56 -4.34 -16.38
N THR B 255 17.69 -5.63 -16.65
CA THR B 255 18.68 -6.46 -15.97
C THR B 255 19.53 -7.31 -16.92
P PO4 C . -14.39 -32.23 30.66
O1 PO4 C . -15.21 -33.50 30.51
O2 PO4 C . -15.25 -31.06 30.24
O3 PO4 C . -13.94 -32.03 32.09
O4 PO4 C . -13.16 -32.35 29.81
P PO4 D . 0.26 -25.19 20.26
O1 PO4 D . -1.07 -25.72 20.71
O2 PO4 D . 1.33 -26.16 20.75
O3 PO4 D . 0.23 -25.03 18.77
O4 PO4 D . 0.58 -23.85 20.90
CA CA E . -15.28 -6.80 11.24
C1 GOL F . -2.76 -12.49 0.67
O1 GOL F . -4.07 -12.45 0.14
C2 GOL F . -2.62 -11.71 1.99
O2 GOL F . -2.38 -10.38 1.69
C3 GOL F . -1.43 -12.19 2.80
O3 GOL F . -1.57 -12.00 4.20
C1 GOL G . -20.38 -16.01 22.52
O1 GOL G . -19.03 -16.36 22.33
C2 GOL G . -21.24 -16.82 21.56
O2 GOL G . -20.65 -16.83 20.28
C3 GOL G . -22.61 -16.16 21.43
O3 GOL G . -22.73 -15.69 20.10
CA CA H . -0.18 7.05 -23.61
C1 GOL I . -16.47 14.59 -3.77
O1 GOL I . -17.40 14.11 -4.72
C2 GOL I . -16.90 15.94 -3.22
O2 GOL I . -15.81 16.53 -2.60
C3 GOL I . -17.98 15.81 -2.14
O3 GOL I . -18.02 17.03 -1.42
C1 GOL J . -14.09 18.10 2.43
O1 GOL J . -15.01 17.13 2.00
C2 GOL J . -12.81 17.43 2.87
O2 GOL J . -13.12 16.47 3.86
C3 GOL J . -11.86 18.46 3.47
O3 GOL J . -11.07 17.82 4.46
C1 GOL K . -13.15 12.53 -3.60
O1 GOL K . -12.61 12.24 -4.87
C2 GOL K . -13.41 11.26 -2.83
O2 GOL K . -14.41 11.49 -1.85
C3 GOL K . -12.10 10.72 -2.23
O3 GOL K . -12.05 10.89 -0.82
#